data_7DTJ
#
_entry.id   7DTJ
#
_cell.length_a   82.825
_cell.length_b   82.825
_cell.length_c   60.769
_cell.angle_alpha   90.000
_cell.angle_beta   90.000
_cell.angle_gamma   120.000
#
_symmetry.space_group_name_H-M   'P 31 2 1'
#
loop_
_entity.id
_entity.type
_entity.pdbx_description
1 polymer 'ATP-dependent RNA helicase cgh-1'
2 water water
#
_entity_poly.entity_id   1
_entity_poly.type   'polypeptide(L)'
_entity_poly.pdbx_seq_one_letter_code
;MGHHHHHHMEELTLLGVTQYYAFVQEKQKVHCLNTLFRKLQINQSIIFCNSTQRVELLAKKITEIGYSCYYIHSKMAQNH
RNRVFHDFRQGNCRNLVCSDLLTRGIDIQAVNVVINFDFPRNAETYLHRIGRSGRFGHLGVAINLITYEDRHTLRRIEQE
LRTRIEPIPKTVDPKLYVADQQ
;
_entity_poly.pdbx_strand_id   A
#
# COMPACT_ATOMS: atom_id res chain seq x y z
N MET A 9 2.15 24.69 0.22
CA MET A 9 1.29 23.56 0.49
C MET A 9 1.53 22.44 -0.52
N GLU A 10 1.44 21.20 -0.06
CA GLU A 10 1.74 20.04 -0.90
C GLU A 10 0.58 19.74 -1.83
N GLU A 11 0.91 19.23 -3.02
CA GLU A 11 -0.10 18.81 -3.97
C GLU A 11 -0.87 17.60 -3.44
N LEU A 12 -0.16 16.58 -2.97
CA LEU A 12 -0.78 15.39 -2.44
C LEU A 12 -1.20 15.61 -0.99
N THR A 13 -2.34 15.04 -0.63
CA THR A 13 -2.87 15.13 0.73
C THR A 13 -3.16 13.75 1.27
N LEU A 14 -3.17 13.64 2.60
CA LEU A 14 -3.50 12.39 3.28
C LEU A 14 -4.88 12.39 3.90
N LEU A 15 -5.60 13.52 3.87
CA LEU A 15 -6.93 13.59 4.44
C LEU A 15 -7.88 12.68 3.68
N GLY A 16 -8.50 11.75 4.40
CA GLY A 16 -9.34 10.73 3.81
C GLY A 16 -8.73 9.34 3.84
N VAL A 17 -7.43 9.24 4.11
CA VAL A 17 -6.73 7.96 4.20
C VAL A 17 -6.46 7.68 5.66
N THR A 18 -7.15 6.70 6.22
CA THR A 18 -6.82 6.22 7.55
C THR A 18 -5.54 5.40 7.50
N GLN A 19 -4.59 5.69 8.38
CA GLN A 19 -3.27 5.10 8.34
C GLN A 19 -3.03 4.26 9.58
N TYR A 20 -2.61 3.01 9.38
CA TYR A 20 -2.31 2.11 10.47
C TYR A 20 -0.90 1.56 10.32
N TYR A 21 -0.39 1.00 11.42
CA TYR A 21 0.88 0.30 11.41
C TYR A 21 0.78 -0.93 12.28
N ALA A 22 1.59 -1.94 11.96
CA ALA A 22 1.68 -3.16 12.74
C ALA A 22 3.15 -3.49 12.95
N PHE A 23 3.51 -3.81 14.18
CA PHE A 23 4.89 -4.17 14.49
C PHE A 23 5.14 -5.60 14.03
N VAL A 24 6.04 -5.76 13.06
CA VAL A 24 6.28 -7.04 12.41
C VAL A 24 7.78 -7.33 12.43
N GLN A 25 8.13 -8.58 12.71
CA GLN A 25 9.47 -9.04 12.42
C GLN A 25 9.59 -9.37 10.94
N GLU A 26 10.76 -9.05 10.37
CA GLU A 26 10.95 -9.25 8.93
C GLU A 26 10.62 -10.67 8.50
N LYS A 27 10.95 -11.64 9.35
CA LYS A 27 10.64 -13.04 9.05
C LYS A 27 9.14 -13.33 9.03
N GLN A 28 8.33 -12.45 9.60
CA GLN A 28 6.90 -12.68 9.77
C GLN A 28 6.03 -11.80 8.88
N LYS A 29 6.64 -11.06 7.95
CA LYS A 29 5.87 -10.13 7.14
C LYS A 29 4.87 -10.85 6.25
N VAL A 30 5.30 -11.93 5.60
CA VAL A 30 4.40 -12.68 4.73
C VAL A 30 3.21 -13.23 5.54
N HIS A 31 3.48 -13.73 6.75
CA HIS A 31 2.41 -14.25 7.59
C HIS A 31 1.44 -13.15 7.99
N CYS A 32 1.97 -11.98 8.38
CA CYS A 32 1.12 -10.87 8.75
C CYS A 32 0.31 -10.37 7.55
N LEU A 33 0.92 -10.42 6.36
CA LEU A 33 0.18 -10.02 5.15
C LEU A 33 -0.97 -10.97 4.88
N ASN A 34 -0.75 -12.27 5.10
CA ASN A 34 -1.84 -13.24 4.91
C ASN A 34 -2.95 -13.04 5.93
N THR A 35 -2.60 -12.64 7.16
CA THR A 35 -3.61 -12.35 8.16
C THR A 35 -4.42 -11.11 7.78
N LEU A 36 -3.80 -10.13 7.13
CA LEU A 36 -4.53 -8.94 6.72
C LEU A 36 -5.52 -9.25 5.61
N PHE A 37 -5.12 -10.09 4.64
CA PHE A 37 -6.04 -10.48 3.58
C PHE A 37 -7.27 -11.18 4.13
N ARG A 38 -7.14 -11.86 5.27
CA ARG A 38 -8.22 -12.67 5.82
C ARG A 38 -9.16 -11.88 6.73
N LYS A 39 -8.66 -10.85 7.43
CA LYS A 39 -9.47 -10.10 8.37
C LYS A 39 -10.00 -8.79 7.80
N LEU A 40 -9.53 -8.37 6.63
CA LEU A 40 -10.05 -7.18 5.97
C LEU A 40 -10.85 -7.60 4.73
N GLN A 41 -11.87 -6.80 4.44
CA GLN A 41 -12.64 -6.98 3.20
C GLN A 41 -11.99 -6.16 2.10
N ILE A 42 -10.86 -6.67 1.63
CA ILE A 42 -10.09 -6.01 0.59
C ILE A 42 -10.78 -6.23 -0.77
N ASN A 43 -11.05 -5.14 -1.47
CA ASN A 43 -11.53 -5.23 -2.84
C ASN A 43 -10.34 -5.42 -3.76
N GLN A 44 -9.60 -4.35 -4.03
CA GLN A 44 -8.30 -4.42 -4.67
C GLN A 44 -7.28 -3.75 -3.76
N SER A 45 -6.03 -4.19 -3.87
CA SER A 45 -4.98 -3.69 -2.99
C SER A 45 -3.72 -3.43 -3.78
N ILE A 46 -2.94 -2.45 -3.31
CA ILE A 46 -1.62 -2.13 -3.83
C ILE A 46 -0.62 -2.33 -2.71
N ILE A 47 0.49 -3.00 -3.00
CA ILE A 47 1.49 -3.36 -2.00
C ILE A 47 2.85 -2.86 -2.47
N PHE A 48 3.48 -2.01 -1.65
CA PHE A 48 4.79 -1.44 -1.97
C PHE A 48 5.89 -2.18 -1.22
N CYS A 49 7.02 -2.39 -1.91
CA CYS A 49 8.24 -2.87 -1.30
C CYS A 49 9.40 -2.00 -1.75
N ASN A 50 10.51 -2.05 -1.01
CA ASN A 50 11.57 -1.08 -1.14
C ASN A 50 12.61 -1.42 -2.19
N SER A 51 12.41 -2.49 -2.95
CA SER A 51 13.34 -2.84 -4.02
C SER A 51 12.62 -3.71 -5.04
N THR A 52 13.12 -3.67 -6.28
CA THR A 52 12.50 -4.45 -7.35
C THR A 52 12.68 -5.94 -7.14
N GLN A 53 13.79 -6.36 -6.55
CA GLN A 53 13.98 -7.77 -6.25
C GLN A 53 12.94 -8.26 -5.25
N ARG A 54 12.70 -7.47 -4.20
CA ARG A 54 11.69 -7.84 -3.21
C ARG A 54 10.28 -7.73 -3.77
N VAL A 55 10.07 -6.91 -4.81
CA VAL A 55 8.77 -6.85 -5.46
C VAL A 55 8.46 -8.16 -6.16
N GLU A 56 9.42 -8.69 -6.91
CA GLU A 56 9.21 -9.95 -7.62
C GLU A 56 9.12 -11.12 -6.64
N LEU A 57 9.94 -11.11 -5.59
CA LEU A 57 9.90 -12.18 -4.61
C LEU A 57 8.55 -12.23 -3.89
N LEU A 58 8.00 -11.06 -3.55
CA LEU A 58 6.70 -11.03 -2.89
C LEU A 58 5.59 -11.49 -3.83
N ALA A 59 5.61 -11.02 -5.08
CA ALA A 59 4.56 -11.36 -6.02
C ALA A 59 4.49 -12.87 -6.26
N LYS A 60 5.64 -13.54 -6.32
CA LYS A 60 5.64 -14.98 -6.53
C LYS A 60 5.13 -15.71 -5.29
N LYS A 61 5.63 -15.34 -4.11
CA LYS A 61 5.14 -15.92 -2.87
C LYS A 61 3.63 -15.77 -2.76
N ILE A 62 3.12 -14.55 -2.99
CA ILE A 62 1.69 -14.28 -2.84
C ILE A 62 0.88 -15.18 -3.76
N THR A 63 1.31 -15.34 -5.02
CA THR A 63 0.59 -16.23 -5.92
C THR A 63 0.71 -17.68 -5.49
N GLU A 64 1.78 -18.04 -4.77
CA GLU A 64 1.93 -19.40 -4.28
C GLU A 64 0.92 -19.72 -3.18
N ILE A 65 0.69 -18.78 -2.27
CA ILE A 65 -0.34 -18.96 -1.24
C ILE A 65 -1.72 -18.97 -1.89
N GLY A 66 -1.86 -18.45 -3.10
CA GLY A 66 -3.09 -18.58 -3.84
C GLY A 66 -3.88 -17.30 -3.96
N TYR A 67 -3.18 -16.18 -4.12
CA TYR A 67 -3.82 -14.88 -4.27
C TYR A 67 -3.48 -14.31 -5.64
N SER A 68 -4.44 -13.58 -6.22
CA SER A 68 -4.25 -12.96 -7.52
C SER A 68 -3.38 -11.72 -7.39
N CYS A 69 -2.31 -11.65 -8.18
CA CYS A 69 -1.43 -10.50 -8.12
C CYS A 69 -0.59 -10.39 -9.39
N TYR A 70 -0.49 -9.16 -9.91
CA TYR A 70 0.53 -8.77 -10.87
C TYR A 70 1.62 -8.01 -10.12
N TYR A 71 2.58 -7.47 -10.88
CA TYR A 71 3.56 -6.56 -10.30
C TYR A 71 4.12 -5.64 -11.36
N ILE A 72 4.48 -4.43 -10.94
CA ILE A 72 5.23 -3.48 -11.75
C ILE A 72 6.33 -2.90 -10.88
N HIS A 73 7.51 -2.66 -11.47
CA HIS A 73 8.59 -2.01 -10.73
C HIS A 73 9.40 -1.16 -11.69
N SER A 74 10.41 -0.48 -11.14
CA SER A 74 11.10 0.59 -11.85
C SER A 74 11.94 0.09 -13.02
N LYS A 75 12.36 -1.16 -13.02
CA LYS A 75 13.22 -1.66 -14.09
C LYS A 75 12.46 -2.33 -15.22
N MET A 76 11.13 -2.34 -15.16
CA MET A 76 10.34 -2.66 -16.33
C MET A 76 10.27 -1.45 -17.26
N ALA A 77 9.90 -1.70 -18.52
CA ALA A 77 9.71 -0.63 -19.46
C ALA A 77 8.39 0.10 -19.17
N GLN A 78 8.35 1.38 -19.53
CA GLN A 78 7.19 2.20 -19.17
C GLN A 78 5.92 1.73 -19.86
N ASN A 79 6.01 1.36 -21.13
CA ASN A 79 4.83 0.88 -21.84
C ASN A 79 4.36 -0.46 -21.30
N HIS A 80 5.28 -1.27 -20.78
CA HIS A 80 4.88 -2.51 -20.11
C HIS A 80 4.18 -2.22 -18.78
N ARG A 81 4.69 -1.24 -18.04
CA ARG A 81 4.05 -0.85 -16.78
C ARG A 81 2.64 -0.33 -17.03
N ASN A 82 2.46 0.43 -18.12
CA ASN A 82 1.14 0.96 -18.45
C ASN A 82 0.13 -0.15 -18.67
N ARG A 83 0.50 -1.17 -19.45
CA ARG A 83 -0.45 -2.20 -19.83
C ARG A 83 -0.78 -3.11 -18.65
N VAL A 84 0.21 -3.45 -17.81
CA VAL A 84 -0.06 -4.23 -16.62
C VAL A 84 -0.98 -3.45 -15.68
N PHE A 85 -0.69 -2.17 -15.49
CA PHE A 85 -1.55 -1.31 -14.67
C PHE A 85 -2.95 -1.21 -15.26
N HIS A 86 -3.05 -1.14 -16.58
CA HIS A 86 -4.35 -1.13 -17.23
C HIS A 86 -5.09 -2.45 -16.99
N ASP A 87 -4.37 -3.57 -17.01
CA ASP A 87 -4.99 -4.85 -16.71
C ASP A 87 -5.45 -4.90 -15.26
N PHE A 88 -4.67 -4.32 -14.34
CA PHE A 88 -5.05 -4.31 -12.94
C PHE A 88 -6.27 -3.44 -12.70
N ARG A 89 -6.26 -2.22 -13.26
CA ARG A 89 -7.42 -1.34 -13.14
C ARG A 89 -8.66 -1.97 -13.76
N GLN A 90 -8.48 -2.82 -14.78
CA GLN A 90 -9.60 -3.48 -15.43
C GLN A 90 -10.30 -4.47 -14.52
N GLY A 91 -9.63 -4.94 -13.46
CA GLY A 91 -10.15 -6.01 -12.63
C GLY A 91 -9.62 -7.38 -12.97
N ASN A 92 -8.74 -7.50 -13.97
CA ASN A 92 -8.12 -8.77 -14.26
C ASN A 92 -7.23 -9.26 -13.13
N CYS A 93 -6.92 -8.39 -12.17
CA CYS A 93 -6.02 -8.71 -11.08
C CYS A 93 -6.59 -8.18 -9.77
N ARG A 94 -6.35 -8.91 -8.70
CA ARG A 94 -6.86 -8.54 -7.38
C ARG A 94 -5.89 -7.65 -6.60
N ASN A 95 -4.60 -7.92 -6.69
CA ASN A 95 -3.59 -7.16 -5.97
C ASN A 95 -2.45 -6.79 -6.92
N LEU A 96 -1.77 -5.70 -6.60
CA LEU A 96 -0.67 -5.21 -7.42
C LEU A 96 0.54 -4.92 -6.54
N VAL A 97 1.65 -5.60 -6.81
CA VAL A 97 2.91 -5.34 -6.11
C VAL A 97 3.69 -4.30 -6.90
N CYS A 98 4.20 -3.29 -6.22
CA CYS A 98 4.90 -2.20 -6.88
C CYS A 98 6.12 -1.79 -6.07
N SER A 99 7.19 -1.45 -6.79
CA SER A 99 8.28 -0.67 -6.23
C SER A 99 7.87 0.80 -6.23
N ASP A 100 8.78 1.66 -5.77
CA ASP A 100 8.54 3.09 -5.86
C ASP A 100 8.67 3.53 -7.31
N LEU A 101 7.69 4.29 -7.78
CA LEU A 101 7.66 4.77 -9.16
C LEU A 101 7.36 6.26 -9.17
N LEU A 102 8.19 7.02 -9.87
CA LEU A 102 7.98 8.47 -9.96
C LEU A 102 6.67 8.79 -10.67
N THR A 103 6.39 8.10 -11.76
CA THR A 103 5.17 8.32 -12.54
C THR A 103 4.05 7.50 -11.92
N ARG A 104 3.06 8.18 -11.33
CA ARG A 104 1.93 7.52 -10.70
C ARG A 104 0.85 7.20 -11.72
N GLY A 105 0.08 6.16 -11.44
CA GLY A 105 -1.08 5.86 -12.23
C GLY A 105 -2.33 6.58 -11.72
N ILE A 106 -3.36 6.60 -12.57
CA ILE A 106 -4.61 7.22 -12.17
C ILE A 106 -5.23 6.43 -11.01
N ASP A 107 -6.13 7.09 -10.30
CA ASP A 107 -6.79 6.45 -9.16
C ASP A 107 -7.66 5.29 -9.63
N ILE A 108 -7.70 4.24 -8.83
CA ILE A 108 -8.53 3.06 -9.09
C ILE A 108 -9.54 2.96 -7.97
N GLN A 109 -10.82 3.10 -8.30
CA GLN A 109 -11.87 3.17 -7.29
C GLN A 109 -11.96 1.89 -6.47
N ALA A 110 -11.71 0.73 -7.09
CA ALA A 110 -11.79 -0.53 -6.37
C ALA A 110 -10.65 -0.72 -5.38
N VAL A 111 -9.57 0.07 -5.47
CA VAL A 111 -8.47 -0.04 -4.53
C VAL A 111 -8.88 0.66 -3.24
N ASN A 112 -9.11 -0.12 -2.18
CA ASN A 112 -9.47 0.42 -0.88
C ASN A 112 -8.42 0.15 0.20
N VAL A 113 -7.39 -0.65 -0.08
CA VAL A 113 -6.33 -0.94 0.87
C VAL A 113 -4.99 -0.79 0.16
N VAL A 114 -4.11 0.01 0.74
CA VAL A 114 -2.72 0.13 0.29
C VAL A 114 -1.82 -0.33 1.43
N ILE A 115 -0.87 -1.20 1.13
CA ILE A 115 -0.03 -1.83 2.14
C ILE A 115 1.43 -1.50 1.85
N ASN A 116 2.12 -0.95 2.85
CA ASN A 116 3.56 -0.75 2.76
C ASN A 116 4.22 -1.99 3.37
N PHE A 117 4.41 -3.01 2.53
CA PHE A 117 5.08 -4.22 2.97
C PHE A 117 6.47 -3.92 3.53
N ASP A 118 7.19 -3.01 2.88
CA ASP A 118 8.41 -2.43 3.41
C ASP A 118 8.16 -0.95 3.66
N PHE A 119 8.56 -0.47 4.83
CA PHE A 119 8.29 0.91 5.21
C PHE A 119 9.26 1.84 4.48
N PRO A 120 8.77 2.93 3.89
CA PRO A 120 9.67 3.87 3.21
C PRO A 120 10.57 4.59 4.21
N ARG A 121 11.73 5.03 3.72
CA ARG A 121 12.76 5.59 4.59
C ARG A 121 12.58 7.09 4.84
N ASN A 122 11.79 7.79 4.03
CA ASN A 122 11.61 9.22 4.19
C ASN A 122 10.15 9.58 3.96
N ALA A 123 9.81 10.83 4.30
CA ALA A 123 8.41 11.25 4.29
C ALA A 123 7.91 11.48 2.86
N GLU A 124 8.77 11.97 1.96
CA GLU A 124 8.32 12.24 0.61
C GLU A 124 8.01 10.95 -0.14
N THR A 125 8.74 9.87 0.15
CA THR A 125 8.39 8.57 -0.44
C THR A 125 7.07 8.06 0.11
N TYR A 126 6.84 8.24 1.42
CA TYR A 126 5.58 7.85 2.03
C TYR A 126 4.41 8.59 1.41
N LEU A 127 4.55 9.92 1.26
CA LEU A 127 3.47 10.70 0.67
C LEU A 127 3.25 10.35 -0.80
N HIS A 128 4.34 10.11 -1.54
CA HIS A 128 4.22 9.72 -2.94
C HIS A 128 3.51 8.38 -3.10
N ARG A 129 3.55 7.52 -2.07
CA ARG A 129 2.87 6.25 -2.13
C ARG A 129 1.40 6.37 -1.73
N ILE A 130 1.12 7.13 -0.68
CA ILE A 130 -0.20 7.12 -0.05
C ILE A 130 -1.03 8.36 -0.37
N GLY A 131 -0.40 9.48 -0.69
CA GLY A 131 -1.15 10.72 -0.87
C GLY A 131 -2.10 10.67 -2.05
N ARG A 132 -3.13 11.49 -1.98
CA ARG A 132 -4.12 11.62 -3.04
C ARG A 132 -4.06 13.03 -3.62
N SER A 133 -4.13 13.13 -4.95
CA SER A 133 -4.01 14.43 -5.60
C SER A 133 -5.28 15.27 -5.44
N GLY A 134 -6.45 14.65 -5.63
CA GLY A 134 -7.69 15.39 -5.51
C GLY A 134 -8.08 15.66 -4.08
N ARG A 135 -9.08 16.53 -3.93
CA ARG A 135 -9.62 16.89 -2.63
C ARG A 135 -10.95 16.19 -2.34
N PHE A 136 -11.33 15.21 -3.15
CA PHE A 136 -12.57 14.48 -2.93
C PHE A 136 -12.42 13.42 -1.84
N GLY A 137 -11.20 12.96 -1.57
CA GLY A 137 -10.92 12.08 -0.46
C GLY A 137 -11.69 10.77 -0.46
N HIS A 138 -11.52 9.96 -1.50
CA HIS A 138 -12.15 8.65 -1.54
C HIS A 138 -11.63 7.80 -0.38
N LEU A 139 -12.56 7.27 0.42
CA LEU A 139 -12.18 6.59 1.65
C LEU A 139 -11.31 5.37 1.37
N GLY A 140 -10.25 5.23 2.17
CA GLY A 140 -9.34 4.11 2.04
C GLY A 140 -8.55 3.94 3.32
N VAL A 141 -7.75 2.88 3.34
CA VAL A 141 -6.94 2.53 4.51
C VAL A 141 -5.54 2.16 4.04
N ALA A 142 -4.54 2.69 4.74
CA ALA A 142 -3.13 2.39 4.48
C ALA A 142 -2.56 1.67 5.68
N ILE A 143 -1.86 0.57 5.44
CA ILE A 143 -1.32 -0.29 6.50
C ILE A 143 0.18 -0.41 6.29
N ASN A 144 0.94 -0.07 7.33
CA ASN A 144 2.41 -0.10 7.29
C ASN A 144 2.91 -1.27 8.12
N LEU A 145 3.75 -2.11 7.51
CA LEU A 145 4.41 -3.19 8.20
C LEU A 145 5.79 -2.70 8.65
N ILE A 146 6.01 -2.64 9.95
CA ILE A 146 7.18 -1.99 10.50
C ILE A 146 7.80 -2.88 11.56
N THR A 147 9.13 -2.86 11.65
CA THR A 147 9.79 -3.52 12.76
C THR A 147 9.87 -2.57 13.94
N TYR A 148 9.96 -3.16 15.14
CA TYR A 148 10.07 -2.36 16.35
C TYR A 148 11.34 -1.52 16.33
N GLU A 149 12.42 -2.06 15.77
CA GLU A 149 13.67 -1.31 15.68
C GLU A 149 13.52 -0.03 14.85
N ASP A 150 12.53 0.00 13.96
CA ASP A 150 12.35 1.07 12.99
C ASP A 150 11.26 2.06 13.39
N ARG A 151 10.76 1.99 14.63
CA ARG A 151 9.61 2.80 15.03
C ARG A 151 9.93 4.29 15.03
N HIS A 152 11.20 4.65 15.21
CA HIS A 152 11.56 6.07 15.21
C HIS A 152 11.40 6.69 13.84
N THR A 153 11.59 5.91 12.77
CA THR A 153 11.34 6.41 11.43
C THR A 153 9.86 6.74 11.23
N LEU A 154 8.98 5.92 11.82
CA LEU A 154 7.54 6.18 11.69
C LEU A 154 7.14 7.46 12.40
N ARG A 155 7.67 7.69 13.61
CA ARG A 155 7.35 8.91 14.35
C ARG A 155 7.81 10.14 13.59
N ARG A 156 9.02 10.09 13.01
CA ARG A 156 9.55 11.24 12.29
C ARG A 156 8.72 11.56 11.06
N ILE A 157 8.38 10.53 10.27
CA ILE A 157 7.54 10.74 9.10
C ILE A 157 6.15 11.22 9.52
N GLU A 158 5.66 10.73 10.67
CA GLU A 158 4.35 11.15 11.16
C GLU A 158 4.34 12.63 11.50
N GLN A 159 5.41 13.12 12.14
CA GLN A 159 5.48 14.55 12.47
C GLN A 159 5.76 15.39 11.24
N GLU A 160 6.61 14.90 10.34
CA GLU A 160 6.97 15.66 9.15
C GLU A 160 5.77 15.85 8.22
N LEU A 161 4.93 14.82 8.09
CA LEU A 161 3.74 14.90 7.26
C LEU A 161 2.53 15.44 8.01
N ARG A 162 2.67 15.72 9.31
CA ARG A 162 1.60 16.31 10.11
C ARG A 162 0.33 15.46 10.05
N THR A 163 0.50 14.14 10.04
CA THR A 163 -0.59 13.19 9.94
C THR A 163 -0.61 12.31 11.19
N ARG A 164 -1.52 11.33 11.20
CA ARG A 164 -1.68 10.42 12.32
C ARG A 164 -1.69 8.99 11.79
N ILE A 165 -0.79 8.16 12.32
CA ILE A 165 -0.71 6.75 11.97
C ILE A 165 -0.92 5.96 13.25
N GLU A 166 -2.02 5.25 13.32
CA GLU A 166 -2.37 4.58 14.56
C GLU A 166 -2.02 3.11 14.53
N PRO A 167 -1.77 2.50 15.68
CA PRO A 167 -1.59 1.03 15.71
C PRO A 167 -2.88 0.35 15.28
N ILE A 168 -2.75 -0.64 14.40
CA ILE A 168 -3.94 -1.24 13.80
C ILE A 168 -4.74 -1.96 14.88
N PRO A 169 -6.05 -1.72 14.98
CA PRO A 169 -6.88 -2.50 15.90
C PRO A 169 -7.09 -3.91 15.40
N LYS A 170 -7.72 -4.73 16.24
CA LYS A 170 -8.11 -6.07 15.82
C LYS A 170 -9.13 -6.01 14.68
N THR A 171 -10.08 -5.10 14.76
CA THR A 171 -11.14 -4.94 13.76
C THR A 171 -11.09 -3.52 13.22
N VAL A 172 -10.65 -3.36 11.97
CA VAL A 172 -10.70 -2.06 11.33
C VAL A 172 -12.15 -1.70 11.03
N ASP A 173 -12.55 -0.50 11.45
CA ASP A 173 -13.90 -0.04 11.19
C ASP A 173 -14.15 -0.01 9.69
N PRO A 174 -15.05 -0.86 9.16
CA PRO A 174 -15.28 -0.86 7.70
C PRO A 174 -15.79 0.46 7.17
N LYS A 175 -16.34 1.32 8.04
CA LYS A 175 -16.72 2.67 7.63
C LYS A 175 -15.56 3.41 6.97
N LEU A 176 -14.32 3.03 7.25
CA LEU A 176 -13.15 3.77 6.82
C LEU A 176 -12.54 3.26 5.51
N TYR A 177 -13.02 2.14 4.97
CA TYR A 177 -12.44 1.64 3.73
C TYR A 177 -13.40 0.81 2.87
N VAL A 178 -14.61 0.52 3.34
CA VAL A 178 -15.60 -0.20 2.54
C VAL A 178 -16.52 0.84 1.91
N ALA A 179 -16.41 1.01 0.59
CA ALA A 179 -17.17 2.02 -0.11
C ALA A 179 -18.67 1.78 0.06
N ASP A 180 -19.39 2.83 0.47
CA ASP A 180 -20.81 2.74 0.77
C ASP A 180 -21.67 3.21 -0.40
N GLN A 181 -21.37 2.73 -1.59
CA GLN A 181 -22.15 3.07 -2.78
C GLN A 181 -21.93 2.06 -3.90
#